data_3AA7
#
_entry.id   3AA7
#
_cell.length_a   53.913
_cell.length_b   68.680
_cell.length_c   130.086
_cell.angle_alpha   90.00
_cell.angle_beta   90.00
_cell.angle_gamma   90.00
#
_symmetry.space_group_name_H-M   'P 21 21 21'
#
loop_
_entity.id
_entity.type
_entity.pdbx_description
1 polymer 'F-actin-capping protein subunit alpha-1'
2 polymer 'F-actin-capping protein subunit beta isoforms 1 and 2'
3 non-polymer 'BARIUM ION'
4 non-polymer '2-(N-MORPHOLINO)-ETHANESULFONIC ACID'
5 water water
#
loop_
_entity_poly.entity_id
_entity_poly.type
_entity_poly.pdbx_seq_one_letter_code
_entity_poly.pdbx_strand_id
1 'polypeptide(L)'
;MADFEDRVSDEEKVRIAAKFITHAPPGEFNEVFNDVRLLLNNDNLLREGAAHAFAQYNMDQFTPVKIEGYDDQVLITEHG
DLGNGRFLDPRNKISFKFDHLRKEASDPQPEDTESALKQWRDACDSALRAYVKDHYPNGFCTVYGKSIDGQQTIIACIES
HQFQPKNFWNGRWRSEWKFTITPPTAQVAAVLKIQVHYYEDGNVQLVSHKDIQDSVQVSSDVQTAKEFIKIIENAENEYQ
TAISENYQTMSDTTFKALRRQLPVTRTKIDWNKILSYKIGKEMQNA
;
A
2 'polypeptide(L)'
;MSDQQLDCALDLMRRLPPQQIEKNLSDLIDLVPSLCEDLLSSVDQPLKIARDKVVGKDYLLCDYNRDGDSYRSPWSNKYD
PPLEDGAMPSARLRKLEVEANNAFDQYRDLYFEGGVSSVYLWDLDHGFAGVILIKKAGDGSKKIKGCWDSIHVVEVQEKS
SGRTAHYKLTSTVMLWLQTNKTGSGTMNLGGSLTRQMEKDETVSDSSPHIANIGRLVEDMENKIRSTLNEIYFGKTKDIV
NGLR
;
B
#
loop_
_chem_comp.id
_chem_comp.type
_chem_comp.name
_chem_comp.formula
BA non-polymer 'BARIUM ION' 'Ba 2'
MES non-polymer '2-(N-MORPHOLINO)-ETHANESULFONIC ACID' 'C6 H13 N O4 S'
#
# COMPACT_ATOMS: atom_id res chain seq x y z
N VAL A 8 25.30 -10.95 1.74
CA VAL A 8 24.10 -11.53 1.05
C VAL A 8 24.54 -11.85 -0.38
N SER A 9 24.32 -13.09 -0.80
CA SER A 9 24.80 -13.55 -2.09
C SER A 9 24.15 -12.86 -3.29
N ASP A 10 24.79 -12.98 -4.45
CA ASP A 10 24.14 -12.55 -5.70
C ASP A 10 22.78 -13.21 -5.97
N GLU A 11 22.66 -14.49 -5.64
CA GLU A 11 21.37 -15.22 -5.77
C GLU A 11 20.28 -14.61 -4.90
N GLU A 12 20.62 -14.22 -3.69
CA GLU A 12 19.65 -13.54 -2.83
C GLU A 12 19.29 -12.17 -3.39
N LYS A 13 20.30 -11.42 -3.81
CA LYS A 13 20.00 -10.07 -4.34
C LYS A 13 19.06 -10.13 -5.52
N VAL A 14 19.30 -11.04 -6.44
CA VAL A 14 18.41 -11.12 -7.62
C VAL A 14 17.04 -11.72 -7.28
N ARG A 15 16.94 -12.52 -6.21
CA ARG A 15 15.61 -12.93 -5.70
C ARG A 15 14.83 -11.70 -5.25
N ILE A 16 15.50 -10.83 -4.50
CA ILE A 16 14.88 -9.59 -4.03
C ILE A 16 14.53 -8.70 -5.20
N ALA A 17 15.45 -8.50 -6.12
CA ALA A 17 15.10 -7.75 -7.36
C ALA A 17 13.85 -8.30 -8.11
N ALA A 18 13.79 -9.61 -8.31
CA ALA A 18 12.65 -10.23 -8.99
C ALA A 18 11.33 -9.99 -8.23
N LYS A 19 11.37 -10.15 -6.92
CA LYS A 19 10.21 -9.87 -6.07
C LYS A 19 9.69 -8.43 -6.22
N PHE A 20 10.61 -7.47 -6.11
CA PHE A 20 10.22 -6.05 -6.23
C PHE A 20 9.54 -5.80 -7.54
N ILE A 21 10.15 -6.29 -8.62
CA ILE A 21 9.58 -6.11 -9.97
C ILE A 21 8.13 -6.68 -10.01
N THR A 22 7.95 -7.85 -9.43
CA THR A 22 6.59 -8.45 -9.39
C THR A 22 5.63 -7.60 -8.61
N HIS A 23 6.11 -6.78 -7.69
CA HIS A 23 5.22 -5.97 -6.90
C HIS A 23 5.01 -4.53 -7.40
N ALA A 24 5.46 -4.26 -8.61
CA ALA A 24 5.21 -2.92 -9.19
C ALA A 24 3.71 -2.65 -9.23
N PRO A 25 3.29 -1.45 -8.79
CA PRO A 25 1.89 -1.08 -8.99
C PRO A 25 1.46 -1.07 -10.47
N PRO A 26 0.14 -1.18 -10.75
CA PRO A 26 -0.26 -1.06 -12.15
C PRO A 26 0.22 0.26 -12.74
N GLY A 27 0.72 0.26 -13.98
CA GLY A 27 1.11 1.50 -14.64
C GLY A 27 2.46 2.03 -14.23
N GLU A 28 3.22 1.26 -13.43
CA GLU A 28 4.46 1.77 -12.88
C GLU A 28 5.62 0.77 -13.02
N PHE A 29 5.47 -0.17 -13.96
CA PHE A 29 6.47 -1.19 -14.21
C PHE A 29 7.82 -0.59 -14.58
N ASN A 30 7.80 0.35 -15.51
CA ASN A 30 9.04 0.93 -16.01
C ASN A 30 9.80 1.59 -14.93
N GLU A 31 9.09 2.33 -14.08
CA GLU A 31 9.71 3.04 -12.96
C GLU A 31 10.38 2.07 -12.00
N VAL A 32 9.65 1.04 -11.62
CA VAL A 32 10.17 0.06 -10.62
C VAL A 32 11.36 -0.73 -11.21
N PHE A 33 11.23 -1.15 -12.47
CA PHE A 33 12.28 -1.89 -13.18
C PHE A 33 13.54 -1.05 -13.29
N ASN A 34 13.41 0.19 -13.69
CA ASN A 34 14.62 1.02 -13.74
C ASN A 34 15.28 1.28 -12.37
N ASP A 35 14.44 1.43 -11.32
CA ASP A 35 14.95 1.56 -9.96
C ASP A 35 15.76 0.29 -9.61
N VAL A 36 15.12 -0.87 -9.78
CA VAL A 36 15.70 -2.18 -9.41
C VAL A 36 16.97 -2.46 -10.25
N ARG A 37 16.89 -2.13 -11.54
CA ARG A 37 18.06 -2.28 -12.42
C ARG A 37 19.30 -1.50 -11.86
N LEU A 38 19.11 -0.23 -11.53
CA LEU A 38 20.22 0.63 -11.04
C LEU A 38 20.71 0.23 -9.65
N LEU A 39 19.79 -0.25 -8.80
CA LEU A 39 20.22 -0.76 -7.46
C LEU A 39 21.00 -2.09 -7.56
N LEU A 40 20.50 -3.02 -8.36
CA LEU A 40 21.19 -4.31 -8.55
C LEU A 40 22.52 -4.07 -9.27
N ASN A 41 22.50 -3.21 -10.28
CA ASN A 41 23.70 -2.77 -10.99
C ASN A 41 24.48 -4.00 -11.53
N ASN A 42 23.76 -4.94 -12.16
CA ASN A 42 24.34 -6.10 -12.80
C ASN A 42 23.34 -6.62 -13.80
N ASP A 43 23.37 -6.05 -15.00
CA ASP A 43 22.31 -6.33 -15.98
C ASP A 43 22.17 -7.79 -16.38
N ASN A 44 23.30 -8.48 -16.45
CA ASN A 44 23.32 -9.88 -16.82
C ASN A 44 22.70 -10.72 -15.74
N LEU A 45 22.96 -10.36 -14.48
CA LEU A 45 22.36 -11.08 -13.37
C LEU A 45 20.87 -10.83 -13.38
N LEU A 46 20.51 -9.57 -13.60
CA LEU A 46 19.09 -9.23 -13.67
C LEU A 46 18.38 -10.10 -14.73
N ARG A 47 18.98 -10.19 -15.92
CA ARG A 47 18.37 -10.93 -17.04
C ARG A 47 18.14 -12.40 -16.73
N GLU A 48 19.09 -13.00 -16.00
CA GLU A 48 19.08 -14.40 -15.65
C GLU A 48 18.19 -14.75 -14.46
N GLY A 49 18.38 -14.03 -13.36
CA GLY A 49 17.64 -14.29 -12.15
C GLY A 49 16.23 -13.74 -12.18
N ALA A 50 15.93 -12.81 -13.09
CA ALA A 50 14.66 -12.05 -12.97
C ALA A 50 13.77 -12.04 -14.21
N ALA A 51 14.25 -12.63 -15.31
CA ALA A 51 13.45 -12.75 -16.54
C ALA A 51 12.01 -13.25 -16.33
N HIS A 52 11.86 -14.26 -15.46
CA HIS A 52 10.58 -14.87 -15.15
C HIS A 52 9.59 -13.84 -14.53
N ALA A 53 10.16 -12.85 -13.84
CA ALA A 53 9.40 -11.83 -13.16
C ALA A 53 8.71 -10.87 -14.09
N PHE A 54 9.37 -10.54 -15.20
CA PHE A 54 8.79 -9.62 -16.21
C PHE A 54 7.53 -10.28 -16.76
N ALA A 55 7.67 -11.57 -17.13
CA ALA A 55 6.54 -12.37 -17.61
C ALA A 55 5.48 -12.58 -16.55
N GLN A 56 5.85 -12.87 -15.31
CA GLN A 56 4.84 -13.05 -14.30
C GLN A 56 4.05 -11.77 -14.03
N TYR A 57 4.73 -10.64 -14.01
CA TYR A 57 4.03 -9.34 -13.84
C TYR A 57 2.95 -9.14 -14.88
N ASN A 58 3.25 -9.28 -16.17
CA ASN A 58 2.26 -9.05 -17.19
C ASN A 58 1.07 -10.02 -17.11
N MET A 59 1.38 -11.29 -16.84
CA MET A 59 0.33 -12.28 -16.71
C MET A 59 -0.54 -12.08 -15.47
N ASP A 60 0.08 -11.63 -14.37
CA ASP A 60 -0.61 -11.37 -13.09
C ASP A 60 -1.53 -10.15 -13.26
N GLN A 61 -1.00 -9.16 -13.97
CA GLN A 61 -1.70 -7.88 -14.27
C GLN A 61 -2.79 -7.94 -15.35
N PHE A 62 -2.86 -9.04 -16.13
CA PHE A 62 -3.73 -9.16 -17.30
C PHE A 62 -3.45 -7.99 -18.22
N THR A 63 -2.18 -7.73 -18.53
CA THR A 63 -1.85 -6.57 -19.40
C THR A 63 -2.53 -6.64 -20.76
N PRO A 64 -3.30 -5.59 -21.16
CA PRO A 64 -3.93 -5.66 -22.48
C PRO A 64 -2.94 -5.24 -23.57
N VAL A 65 -3.03 -5.84 -24.74
CA VAL A 65 -2.08 -5.54 -25.80
C VAL A 65 -2.77 -5.34 -27.13
N LYS A 66 -2.28 -4.36 -27.88
CA LYS A 66 -2.80 -4.07 -29.21
C LYS A 66 -2.08 -4.93 -30.23
N ILE A 67 -2.84 -5.57 -31.12
CA ILE A 67 -2.24 -6.34 -32.23
C ILE A 67 -2.66 -5.79 -33.60
N GLU A 68 -1.66 -5.33 -34.35
CA GLU A 68 -1.80 -4.75 -35.71
C GLU A 68 -2.64 -5.68 -36.56
N GLY A 69 -3.67 -5.12 -37.19
CA GLY A 69 -4.60 -5.90 -38.03
C GLY A 69 -5.83 -6.49 -37.35
N TYR A 70 -5.93 -6.29 -36.03
CA TYR A 70 -7.07 -6.82 -35.25
C TYR A 70 -7.64 -5.75 -34.34
N ASP A 71 -8.97 -5.74 -34.23
CA ASP A 71 -9.71 -4.75 -33.42
C ASP A 71 -9.63 -5.12 -31.94
N ASP A 72 -9.90 -4.17 -31.03
CA ASP A 72 -9.90 -4.49 -29.59
C ASP A 72 -8.47 -4.85 -29.11
N GLN A 73 -8.36 -5.49 -27.96
CA GLN A 73 -7.03 -5.80 -27.40
C GLN A 73 -7.14 -7.15 -26.74
N VAL A 74 -6.02 -7.84 -26.56
CA VAL A 74 -6.08 -9.16 -25.91
C VAL A 74 -5.31 -9.10 -24.57
N LEU A 75 -5.73 -9.90 -23.62
CA LEU A 75 -5.09 -9.91 -22.33
C LEU A 75 -3.96 -10.94 -22.34
N ILE A 76 -2.84 -10.54 -21.78
CA ILE A 76 -1.74 -11.43 -21.43
C ILE A 76 -2.09 -12.07 -20.06
N THR A 77 -2.35 -13.39 -20.10
CA THR A 77 -2.65 -14.18 -18.91
C THR A 77 -1.90 -15.51 -18.94
N GLU A 78 -1.84 -16.21 -17.80
CA GLU A 78 -1.26 -17.56 -17.71
CA GLU A 78 -1.25 -17.54 -17.76
C GLU A 78 -2.03 -18.50 -18.66
N HIS A 79 -3.33 -18.24 -18.80
CA HIS A 79 -4.22 -19.13 -19.55
C HIS A 79 -3.94 -19.05 -21.03
N GLY A 80 -3.31 -17.94 -21.47
CA GLY A 80 -2.87 -17.76 -22.87
C GLY A 80 -1.40 -18.04 -23.15
N ASP A 81 -0.65 -18.44 -22.13
CA ASP A 81 0.80 -18.65 -22.28
C ASP A 81 0.98 -19.88 -23.17
N LEU A 82 1.65 -19.73 -24.29
CA LEU A 82 1.97 -20.88 -25.16
C LEU A 82 3.41 -21.37 -25.01
N GLY A 83 4.15 -20.79 -24.08
CA GLY A 83 5.55 -21.12 -23.92
C GLY A 83 6.43 -20.32 -24.85
N ASN A 84 7.68 -20.12 -24.45
CA ASN A 84 8.68 -19.49 -25.32
C ASN A 84 8.24 -18.14 -25.88
N GLY A 85 7.60 -17.34 -25.02
CA GLY A 85 7.33 -15.95 -25.32
C GLY A 85 6.09 -15.67 -26.15
N ARG A 86 5.35 -16.72 -26.55
CA ARG A 86 4.14 -16.53 -27.34
C ARG A 86 2.85 -16.70 -26.50
N PHE A 87 1.80 -15.99 -26.92
CA PHE A 87 0.51 -16.01 -26.24
C PHE A 87 -0.63 -16.22 -27.24
N LEU A 88 -1.72 -16.78 -26.76
CA LEU A 88 -2.89 -17.06 -27.58
C LEU A 88 -3.89 -15.89 -27.53
N ASP A 89 -4.36 -15.45 -28.69
CA ASP A 89 -5.58 -14.65 -28.80
C ASP A 89 -6.73 -15.55 -29.27
N PRO A 90 -7.51 -16.09 -28.33
CA PRO A 90 -8.53 -17.11 -28.64
C PRO A 90 -9.77 -16.63 -29.41
N ARG A 91 -9.98 -15.33 -29.44
CA ARG A 91 -11.05 -14.71 -30.24
C ARG A 91 -10.64 -14.58 -31.71
N ASN A 92 -9.48 -13.96 -31.97
CA ASN A 92 -8.93 -13.87 -33.32
C ASN A 92 -8.27 -15.17 -33.79
N LYS A 93 -8.13 -16.17 -32.92
CA LYS A 93 -7.55 -17.45 -33.34
C LYS A 93 -6.12 -17.31 -33.93
N ILE A 94 -5.27 -16.59 -33.18
CA ILE A 94 -3.89 -16.35 -33.58
C ILE A 94 -3.00 -16.46 -32.34
N SER A 95 -1.71 -16.63 -32.57
CA SER A 95 -0.74 -16.50 -31.53
C SER A 95 0.15 -15.35 -31.89
N PHE A 96 0.83 -14.79 -30.89
CA PHE A 96 1.70 -13.66 -31.13
C PHE A 96 2.85 -13.70 -30.14
N LYS A 97 4.00 -13.19 -30.58
CA LYS A 97 5.16 -13.10 -29.70
C LYS A 97 4.96 -11.87 -28.83
N PHE A 98 5.22 -12.00 -27.53
CA PHE A 98 5.06 -10.84 -26.69
C PHE A 98 6.38 -10.41 -26.03
N ASP A 99 6.75 -9.14 -26.18
CA ASP A 99 7.95 -8.67 -25.46
C ASP A 99 7.51 -8.12 -24.11
N HIS A 100 7.88 -8.81 -23.04
CA HIS A 100 7.41 -8.45 -21.67
C HIS A 100 7.96 -7.10 -21.18
N LEU A 101 9.15 -6.75 -21.65
CA LEU A 101 9.79 -5.51 -21.22
C LEU A 101 9.19 -4.30 -21.96
N ARG A 102 9.02 -4.43 -23.27
CA ARG A 102 8.50 -3.31 -24.06
C ARG A 102 6.99 -3.31 -24.15
N LYS A 103 6.39 -4.43 -23.77
CA LYS A 103 4.94 -4.64 -23.89
C LYS A 103 4.48 -4.51 -25.36
N GLU A 104 5.23 -5.17 -26.25
CA GLU A 104 5.06 -5.19 -27.70
C GLU A 104 4.59 -6.56 -28.21
N ALA A 105 3.48 -6.58 -28.94
CA ALA A 105 3.08 -7.82 -29.62
C ALA A 105 3.71 -7.82 -30.99
N SER A 106 4.23 -8.97 -31.40
CA SER A 106 4.75 -9.10 -32.78
C SER A 106 4.38 -10.42 -33.38
N ASP A 107 4.54 -10.52 -34.71
CA ASP A 107 4.48 -11.81 -35.40
C ASP A 107 3.18 -12.61 -35.19
N PRO A 108 2.02 -12.01 -35.46
CA PRO A 108 0.81 -12.80 -35.33
C PRO A 108 0.76 -13.99 -36.33
N GLN A 109 0.57 -15.20 -35.82
CA GLN A 109 0.44 -16.44 -36.64
C GLN A 109 -0.89 -17.16 -36.34
N PRO A 110 -1.57 -17.69 -37.39
CA PRO A 110 -2.77 -18.51 -37.18
C PRO A 110 -2.50 -19.65 -36.22
N GLU A 111 -3.51 -20.00 -35.42
CA GLU A 111 -3.35 -20.96 -34.34
C GLU A 111 -4.69 -21.63 -34.04
N ASP A 112 -4.65 -22.87 -33.56
CA ASP A 112 -5.74 -23.41 -32.71
C ASP A 112 -5.23 -24.28 -31.54
N THR A 113 -6.14 -24.56 -30.60
CA THR A 113 -5.79 -25.24 -29.34
C THR A 113 -6.91 -26.21 -29.01
N GLU A 114 -8.00 -25.64 -28.49
CA GLU A 114 -9.19 -26.41 -28.12
C GLU A 114 -10.32 -26.10 -29.10
N SER A 115 -11.16 -27.12 -29.32
CA SER A 115 -12.15 -27.05 -30.37
C SER A 115 -13.40 -27.80 -29.95
N ALA A 116 -13.22 -28.71 -28.99
CA ALA A 116 -14.34 -29.31 -28.29
C ALA A 116 -15.24 -28.20 -27.71
N LEU A 117 -14.61 -27.22 -27.06
CA LEU A 117 -15.32 -26.14 -26.39
C LEU A 117 -15.41 -24.88 -27.25
N LYS A 118 -15.03 -25.00 -28.51
CA LYS A 118 -15.03 -23.87 -29.42
C LYS A 118 -16.32 -23.06 -29.36
N GLN A 119 -17.46 -23.74 -29.42
CA GLN A 119 -18.74 -23.03 -29.45
C GLN A 119 -19.17 -22.43 -28.13
N TRP A 120 -18.85 -23.09 -27.03
CA TRP A 120 -19.06 -22.52 -25.70
C TRP A 120 -18.15 -21.29 -25.50
N ARG A 121 -16.87 -21.42 -25.84
CA ARG A 121 -15.93 -20.29 -25.76
C ARG A 121 -16.43 -19.11 -26.57
N ASP A 122 -16.91 -19.38 -27.78
CA ASP A 122 -17.41 -18.33 -28.68
C ASP A 122 -18.70 -17.70 -28.18
N ALA A 123 -19.61 -18.50 -27.62
CA ALA A 123 -20.86 -17.97 -27.07
C ALA A 123 -20.54 -17.09 -25.87
N CYS A 124 -19.67 -17.59 -24.99
CA CYS A 124 -19.34 -16.88 -23.75
C CYS A 124 -18.57 -15.60 -24.02
N ASP A 125 -17.68 -15.64 -25.01
CA ASP A 125 -16.90 -14.44 -25.38
C ASP A 125 -17.79 -13.30 -25.90
N SER A 126 -18.70 -13.63 -26.81
CA SER A 126 -19.69 -12.67 -27.33
C SER A 126 -20.53 -12.06 -26.22
N ALA A 127 -21.07 -12.90 -25.35
CA ALA A 127 -21.89 -12.40 -24.21
C ALA A 127 -21.03 -11.53 -23.27
N LEU A 128 -19.83 -12.02 -22.99
CA LEU A 128 -18.93 -11.31 -22.09
C LEU A 128 -18.43 -9.99 -22.61
N ARG A 129 -18.17 -9.93 -23.90
CA ARG A 129 -17.56 -8.73 -24.47
C ARG A 129 -18.53 -7.52 -24.39
N ALA A 130 -19.81 -7.81 -24.62
CA ALA A 130 -20.85 -6.78 -24.53
C ALA A 130 -20.98 -6.30 -23.08
N TYR A 131 -21.07 -7.27 -22.15
CA TYR A 131 -21.08 -6.99 -20.71
C TYR A 131 -19.94 -6.10 -20.34
N VAL A 132 -18.73 -6.46 -20.79
CA VAL A 132 -17.53 -5.71 -20.39
C VAL A 132 -17.49 -4.28 -20.92
N LYS A 133 -17.78 -4.13 -22.21
CA LYS A 133 -17.80 -2.83 -22.87
C LYS A 133 -18.94 -1.95 -22.32
N ASP A 134 -20.00 -2.59 -21.79
CA ASP A 134 -21.09 -1.85 -21.11
C ASP A 134 -20.77 -1.36 -19.68
N HIS A 135 -19.96 -2.11 -18.94
CA HIS A 135 -19.78 -1.80 -17.51
C HIS A 135 -18.45 -1.21 -17.13
N TYR A 136 -17.46 -1.29 -18.02
CA TYR A 136 -16.12 -0.78 -17.73
C TYR A 136 -15.77 0.25 -18.78
N PRO A 137 -15.30 1.44 -18.36
CA PRO A 137 -14.95 2.53 -19.28
C PRO A 137 -14.08 2.08 -20.46
N ASN A 138 -12.97 1.43 -20.15
CA ASN A 138 -12.10 0.89 -21.18
C ASN A 138 -11.77 -0.55 -20.83
N GLY A 139 -12.77 -1.35 -20.52
CA GLY A 139 -12.51 -2.75 -20.20
C GLY A 139 -12.12 -3.58 -21.42
N PHE A 140 -11.46 -4.69 -21.13
CA PHE A 140 -11.05 -5.66 -22.12
C PHE A 140 -11.27 -7.05 -21.48
N CYS A 141 -11.56 -8.03 -22.34
CA CYS A 141 -11.74 -9.38 -21.88
C CYS A 141 -11.20 -10.41 -22.86
N THR A 142 -10.75 -11.52 -22.30
CA THR A 142 -10.27 -12.65 -23.06
C THR A 142 -10.89 -13.92 -22.44
N VAL A 143 -11.46 -14.78 -23.26
CA VAL A 143 -12.14 -15.96 -22.79
C VAL A 143 -11.44 -17.20 -23.40
N TYR A 144 -11.07 -18.16 -22.55
CA TYR A 144 -10.40 -19.39 -22.99
C TYR A 144 -11.28 -20.60 -22.74
N GLY A 145 -11.13 -21.65 -23.53
CA GLY A 145 -11.80 -22.92 -23.25
C GLY A 145 -10.75 -24.01 -23.26
N LYS A 146 -10.70 -24.80 -22.20
CA LYS A 146 -9.65 -25.81 -21.96
C LYS A 146 -10.17 -27.04 -21.21
N SER A 147 -9.46 -28.17 -21.38
CA SER A 147 -9.60 -29.30 -20.47
C SER A 147 -8.50 -29.26 -19.43
N ILE A 148 -8.88 -29.19 -18.15
CA ILE A 148 -7.91 -29.00 -17.06
C ILE A 148 -8.09 -30.10 -16.03
N ASP A 149 -7.01 -30.86 -15.78
CA ASP A 149 -7.05 -31.98 -14.84
C ASP A 149 -8.32 -32.79 -15.04
N GLY A 150 -8.63 -33.15 -16.28
CA GLY A 150 -9.84 -33.96 -16.58
C GLY A 150 -11.11 -33.24 -17.00
N GLN A 151 -11.22 -31.94 -16.69
CA GLN A 151 -12.52 -31.24 -16.81
C GLN A 151 -12.57 -30.08 -17.81
N GLN A 152 -13.67 -29.96 -18.56
CA GLN A 152 -13.84 -28.88 -19.52
C GLN A 152 -14.12 -27.60 -18.73
N THR A 153 -13.42 -26.54 -19.07
CA THR A 153 -13.44 -25.32 -18.26
C THR A 153 -13.49 -24.13 -19.21
N ILE A 154 -14.40 -23.17 -18.94
CA ILE A 154 -14.39 -21.86 -19.61
C ILE A 154 -13.79 -20.84 -18.64
N ILE A 155 -12.79 -20.09 -19.07
CA ILE A 155 -12.12 -19.15 -18.17
C ILE A 155 -12.24 -17.74 -18.80
N ALA A 156 -12.85 -16.84 -18.06
CA ALA A 156 -13.15 -15.49 -18.58
C ALA A 156 -12.34 -14.52 -17.73
N CYS A 157 -11.48 -13.76 -18.39
CA CYS A 157 -10.64 -12.75 -17.72
C CYS A 157 -11.08 -11.35 -18.17
N ILE A 158 -11.19 -10.46 -17.20
CA ILE A 158 -11.62 -9.08 -17.47
C ILE A 158 -10.57 -8.13 -16.91
N GLU A 159 -10.23 -7.07 -17.64
CA GLU A 159 -9.29 -6.09 -17.14
C GLU A 159 -9.80 -4.69 -17.42
N SER A 160 -9.59 -3.77 -16.46
CA SER A 160 -9.94 -2.39 -16.75
C SER A 160 -8.97 -1.53 -15.95
N HIS A 161 -8.30 -0.57 -16.60
CA HIS A 161 -7.34 0.28 -15.89
C HIS A 161 -7.49 1.74 -16.23
N GLN A 162 -6.99 2.57 -15.34
CA GLN A 162 -6.93 4.03 -15.58
C GLN A 162 -5.58 4.47 -15.03
N PHE A 163 -4.69 4.88 -15.91
CA PHE A 163 -3.37 5.37 -15.55
C PHE A 163 -3.30 6.86 -15.76
N GLN A 164 -2.89 7.59 -14.71
CA GLN A 164 -2.82 9.04 -14.78
C GLN A 164 -1.52 9.46 -14.16
N PRO A 165 -0.40 9.08 -14.80
CA PRO A 165 0.89 9.36 -14.18
C PRO A 165 1.12 10.87 -13.99
N LYS A 166 0.49 11.71 -14.81
CA LYS A 166 0.68 13.14 -14.55
C LYS A 166 -0.03 13.66 -13.32
N ASN A 167 -1.06 12.94 -12.85
CA ASN A 167 -1.67 13.25 -11.56
C ASN A 167 -1.16 12.29 -10.47
N PHE A 168 -0.16 11.49 -10.83
CA PHE A 168 0.50 10.59 -9.90
C PHE A 168 -0.50 9.60 -9.28
N TRP A 169 -1.33 9.00 -10.13
CA TRP A 169 -2.13 7.88 -9.67
C TRP A 169 -2.43 6.90 -10.75
N ASN A 170 -2.68 5.66 -10.33
CA ASN A 170 -3.00 4.56 -11.25
C ASN A 170 -3.98 3.60 -10.62
N GLY A 171 -4.85 2.99 -11.41
CA GLY A 171 -5.73 1.97 -10.83
C GLY A 171 -5.94 0.87 -11.83
N ARG A 172 -6.30 -0.31 -11.34
CA ARG A 172 -6.68 -1.41 -12.22
C ARG A 172 -7.65 -2.36 -11.49
N TRP A 173 -8.61 -2.82 -12.28
CA TRP A 173 -9.49 -3.90 -11.89
C TRP A 173 -9.22 -5.13 -12.74
N ARG A 174 -9.19 -6.29 -12.08
CA ARG A 174 -9.09 -7.60 -12.74
C ARG A 174 -10.09 -8.58 -12.14
N SER A 175 -10.75 -9.35 -12.98
CA SER A 175 -11.53 -10.44 -12.46
C SER A 175 -11.29 -11.65 -13.32
N GLU A 176 -11.30 -12.82 -12.69
CA GLU A 176 -11.08 -14.06 -13.38
C GLU A 176 -12.18 -15.00 -12.94
N TRP A 177 -12.94 -15.52 -13.93
CA TRP A 177 -14.16 -16.32 -13.68
C TRP A 177 -13.95 -17.69 -14.35
N LYS A 178 -13.94 -18.77 -13.57
CA LYS A 178 -13.73 -20.12 -14.06
C LYS A 178 -15.05 -20.87 -13.99
N PHE A 179 -15.50 -21.41 -15.12
CA PHE A 179 -16.72 -22.20 -15.13
C PHE A 179 -16.35 -23.61 -15.54
N THR A 180 -16.52 -24.53 -14.60
CA THR A 180 -16.22 -25.93 -14.84
C THR A 180 -17.53 -26.64 -15.23
N ILE A 181 -17.58 -27.11 -16.48
CA ILE A 181 -18.82 -27.62 -17.07
C ILE A 181 -18.98 -29.13 -16.86
N THR A 182 -19.89 -29.48 -15.93
CA THR A 182 -20.26 -30.84 -15.66
C THR A 182 -21.77 -30.91 -15.86
N PRO A 183 -22.22 -30.96 -17.14
CA PRO A 183 -23.67 -30.91 -17.37
C PRO A 183 -24.38 -31.94 -16.49
N PRO A 184 -25.54 -31.56 -15.89
CA PRO A 184 -26.32 -30.38 -16.20
C PRO A 184 -25.92 -29.13 -15.39
N THR A 185 -24.82 -29.19 -14.62
CA THR A 185 -24.36 -27.99 -13.88
C THR A 185 -22.94 -27.50 -14.22
N ALA A 186 -22.71 -26.22 -13.99
CA ALA A 186 -21.36 -25.65 -14.06
C ALA A 186 -21.00 -25.06 -12.71
N GLN A 187 -19.85 -25.42 -12.18
CA GLN A 187 -19.37 -24.87 -10.91
C GLN A 187 -18.66 -23.58 -11.26
N VAL A 188 -18.79 -22.55 -10.43
CA VAL A 188 -18.22 -21.24 -10.73
C VAL A 188 -17.24 -20.86 -9.61
N ALA A 189 -16.06 -20.40 -9.98
CA ALA A 189 -15.11 -19.93 -8.97
C ALA A 189 -14.53 -18.67 -9.55
N ALA A 190 -14.44 -17.60 -8.74
CA ALA A 190 -13.91 -16.39 -9.32
C ALA A 190 -13.14 -15.66 -8.26
N VAL A 191 -12.20 -14.86 -8.74
CA VAL A 191 -11.60 -13.87 -7.87
CA VAL A 191 -11.45 -13.91 -7.92
C VAL A 191 -11.61 -12.52 -8.55
N LEU A 192 -12.08 -11.53 -7.77
CA LEU A 192 -12.16 -10.17 -8.26
C LEU A 192 -11.06 -9.38 -7.52
N LYS A 193 -10.35 -8.52 -8.23
CA LYS A 193 -9.22 -7.78 -7.67
C LYS A 193 -9.19 -6.32 -8.04
N ILE A 194 -8.83 -5.46 -7.08
CA ILE A 194 -8.64 -4.08 -7.38
C ILE A 194 -7.33 -3.63 -6.73
N GLN A 195 -6.65 -2.74 -7.43
CA GLN A 195 -5.44 -2.09 -6.93
C GLN A 195 -5.41 -0.64 -7.35
N VAL A 196 -5.13 0.27 -6.40
CA VAL A 196 -5.04 1.69 -6.71
C VAL A 196 -3.84 2.21 -5.93
N HIS A 197 -3.05 3.03 -6.60
CA HIS A 197 -1.89 3.69 -6.00
C HIS A 197 -2.03 5.17 -6.28
N TYR A 198 -1.99 5.95 -5.21
CA TYR A 198 -2.00 7.42 -5.29
C TYR A 198 -0.73 7.90 -4.58
N TYR A 199 0.08 8.70 -5.25
CA TYR A 199 1.40 9.13 -4.74
C TYR A 199 1.72 10.59 -5.11
N GLU A 200 0.68 11.39 -5.38
CA GLU A 200 0.83 12.81 -5.67
C GLU A 200 1.23 13.53 -4.37
N ASP A 201 0.82 12.95 -3.24
CA ASP A 201 1.30 13.34 -1.91
C ASP A 201 2.37 12.38 -1.35
N GLY A 202 2.00 11.45 -0.48
CA GLY A 202 2.88 10.33 -0.16
C GLY A 202 2.12 9.01 -0.35
N ASN A 203 2.87 7.95 -0.67
CA ASN A 203 2.43 6.60 -1.04
C ASN A 203 1.11 6.09 -0.38
N VAL A 204 -0.02 5.99 -1.12
CA VAL A 204 -1.17 5.31 -0.52
C VAL A 204 -1.63 4.24 -1.49
N GLN A 205 -1.91 3.04 -0.97
CA GLN A 205 -2.47 1.99 -1.87
C GLN A 205 -3.69 1.29 -1.32
N LEU A 206 -4.66 1.00 -2.22
CA LEU A 206 -5.76 0.12 -1.95
C LEU A 206 -5.47 -1.19 -2.68
N VAL A 207 -5.49 -2.29 -1.93
CA VAL A 207 -5.44 -3.59 -2.55
C VAL A 207 -6.68 -4.34 -2.00
N SER A 208 -7.49 -4.93 -2.89
CA SER A 208 -8.68 -5.66 -2.45
C SER A 208 -8.88 -6.88 -3.33
N HIS A 209 -9.40 -7.96 -2.74
CA HIS A 209 -9.85 -9.08 -3.55
C HIS A 209 -11.12 -9.70 -2.95
N LYS A 210 -11.87 -10.41 -3.78
CA LYS A 210 -13.04 -11.13 -3.29
C LYS A 210 -13.13 -12.47 -4.00
N ASP A 211 -13.28 -13.57 -3.25
CA ASP A 211 -13.53 -14.86 -3.88
C ASP A 211 -15.02 -15.15 -3.99
N ILE A 212 -15.41 -15.74 -5.11
CA ILE A 212 -16.81 -16.02 -5.41
C ILE A 212 -16.91 -17.51 -5.72
N GLN A 213 -17.95 -18.14 -5.19
CA GLN A 213 -18.30 -19.52 -5.47
C GLN A 213 -19.78 -19.57 -5.83
N ASP A 214 -20.10 -20.22 -6.93
CA ASP A 214 -21.50 -20.41 -7.29
C ASP A 214 -21.67 -21.67 -8.14
N SER A 215 -22.89 -21.85 -8.61
CA SER A 215 -23.22 -22.96 -9.44
C SER A 215 -24.30 -22.48 -10.36
N VAL A 216 -24.34 -23.06 -11.55
CA VAL A 216 -25.42 -22.72 -12.45
C VAL A 216 -25.83 -23.90 -13.30
N GLN A 217 -27.04 -23.82 -13.82
CA GLN A 217 -27.62 -24.91 -14.58
C GLN A 217 -27.23 -24.75 -16.05
N VAL A 218 -26.66 -25.80 -16.64
CA VAL A 218 -26.27 -25.68 -18.06
C VAL A 218 -27.38 -26.19 -18.98
N SER A 219 -27.62 -25.42 -20.03
CA SER A 219 -28.50 -25.83 -21.12
C SER A 219 -27.73 -25.81 -22.46
N SER A 220 -28.20 -25.03 -23.43
CA SER A 220 -27.44 -24.83 -24.65
C SER A 220 -26.34 -23.82 -24.38
N ASP A 221 -25.43 -23.68 -25.33
CA ASP A 221 -24.33 -22.70 -25.23
C ASP A 221 -24.84 -21.26 -25.09
N VAL A 222 -25.86 -20.89 -25.87
CA VAL A 222 -26.40 -19.53 -25.82
C VAL A 222 -27.07 -19.19 -24.49
N GLN A 223 -27.98 -20.05 -24.02
CA GLN A 223 -28.71 -19.79 -22.78
C GLN A 223 -27.76 -19.75 -21.58
N THR A 224 -26.79 -20.64 -21.58
CA THR A 224 -25.88 -20.81 -20.47
C THR A 224 -24.90 -19.63 -20.42
N ALA A 225 -24.45 -19.18 -21.58
CA ALA A 225 -23.61 -17.97 -21.64
C ALA A 225 -24.35 -16.80 -20.99
N LYS A 226 -25.63 -16.65 -21.32
CA LYS A 226 -26.45 -15.63 -20.69
C LYS A 226 -26.48 -15.79 -19.18
N GLU A 227 -26.71 -17.02 -18.73
CA GLU A 227 -26.69 -17.33 -17.30
C GLU A 227 -25.32 -16.94 -16.66
N PHE A 228 -24.24 -17.35 -17.31
CA PHE A 228 -22.87 -16.96 -16.87
C PHE A 228 -22.74 -15.45 -16.69
N ILE A 229 -23.13 -14.68 -17.71
CA ILE A 229 -23.02 -13.23 -17.63
C ILE A 229 -23.87 -12.62 -16.49
N LYS A 230 -25.10 -13.13 -16.29
CA LYS A 230 -25.92 -12.64 -15.17
C LYS A 230 -25.24 -12.85 -13.82
N ILE A 231 -24.58 -13.98 -13.65
CA ILE A 231 -23.86 -14.24 -12.39
C ILE A 231 -22.72 -13.25 -12.22
N ILE A 232 -21.98 -13.00 -13.30
CA ILE A 232 -20.83 -12.12 -13.24
C ILE A 232 -21.32 -10.70 -12.92
N GLU A 233 -22.27 -10.21 -13.72
CA GLU A 233 -22.84 -8.86 -13.54
C GLU A 233 -23.32 -8.64 -12.12
N ASN A 234 -24.05 -9.60 -11.55
CA ASN A 234 -24.51 -9.42 -10.19
C ASN A 234 -23.39 -9.39 -9.15
N ALA A 235 -22.42 -10.30 -9.26
CA ALA A 235 -21.34 -10.40 -8.26
C ALA A 235 -20.44 -9.18 -8.33
N GLU A 236 -20.16 -8.73 -9.55
CA GLU A 236 -19.33 -7.54 -9.73
C GLU A 236 -20.04 -6.27 -9.28
N ASN A 237 -21.34 -6.14 -9.56
CA ASN A 237 -22.13 -5.05 -8.93
C ASN A 237 -22.13 -5.13 -7.40
N GLU A 238 -22.38 -6.32 -6.86
CA GLU A 238 -22.41 -6.56 -5.42
C GLU A 238 -21.09 -6.14 -4.76
N TYR A 239 -19.99 -6.47 -5.41
CA TYR A 239 -18.65 -6.23 -4.86
C TYR A 239 -18.39 -4.76 -4.90
N GLN A 240 -18.73 -4.14 -6.02
CA GLN A 240 -18.52 -2.70 -6.13
C GLN A 240 -19.34 -1.88 -5.15
N THR A 241 -20.61 -2.22 -4.98
CA THR A 241 -21.44 -1.58 -3.94
C THR A 241 -20.89 -1.74 -2.55
N ALA A 242 -20.36 -2.93 -2.25
CA ALA A 242 -19.86 -3.24 -0.94
C ALA A 242 -18.56 -2.50 -0.61
N ILE A 243 -17.69 -2.39 -1.63
CA ILE A 243 -16.49 -1.55 -1.52
C ILE A 243 -16.85 -0.10 -1.13
N SER A 244 -17.80 0.50 -1.84
CA SER A 244 -18.22 1.86 -1.49
CA SER A 244 -18.28 1.85 -1.51
C SER A 244 -18.87 1.94 -0.09
N GLU A 245 -19.70 0.97 0.27
CA GLU A 245 -20.27 0.93 1.62
C GLU A 245 -19.20 0.92 2.70
N ASN A 246 -18.19 0.06 2.50
CA ASN A 246 -17.07 -0.10 3.41
C ASN A 246 -16.22 1.16 3.56
N TYR A 247 -16.00 1.90 2.47
CA TYR A 247 -15.29 3.18 2.55
C TYR A 247 -15.97 4.12 3.55
N GLN A 248 -17.29 4.21 3.41
CA GLN A 248 -18.11 5.04 4.29
C GLN A 248 -17.99 4.67 5.75
N THR A 249 -18.12 3.37 6.05
CA THR A 249 -17.92 2.85 7.40
C THR A 249 -16.51 3.21 7.93
N MET A 250 -15.49 2.95 7.12
CA MET A 250 -14.15 3.36 7.44
C MET A 250 -14.05 4.87 7.66
N SER A 251 -14.59 5.68 6.75
CA SER A 251 -14.43 7.12 6.86
C SER A 251 -15.11 7.69 8.08
N ASP A 252 -16.31 7.18 8.40
CA ASP A 252 -17.09 7.75 9.50
C ASP A 252 -17.00 7.03 10.86
N THR A 253 -16.48 5.82 10.90
CA THR A 253 -16.42 5.04 12.14
C THR A 253 -14.97 4.70 12.53
N THR A 254 -14.34 3.81 11.76
CA THR A 254 -13.05 3.24 12.13
C THR A 254 -11.94 4.31 12.25
N PHE A 255 -11.92 5.21 11.26
CA PHE A 255 -10.95 6.30 11.23
C PHE A 255 -11.06 7.12 12.51
N LYS A 256 -12.29 7.52 12.85
CA LYS A 256 -12.60 8.33 14.05
C LYS A 256 -12.13 7.65 15.33
N ALA A 257 -12.20 6.31 15.30
CA ALA A 257 -11.78 5.46 16.41
C ALA A 257 -10.26 5.42 16.54
N LEU A 258 -9.54 5.70 15.46
CA LEU A 258 -8.09 5.85 15.54
C LEU A 258 -7.73 7.22 16.05
N ARG A 259 -8.21 8.27 15.38
CA ARG A 259 -8.03 9.65 15.88
C ARG A 259 -9.26 10.51 15.69
N ARG A 260 -9.67 11.14 16.79
CA ARG A 260 -10.75 12.13 16.77
C ARG A 260 -10.30 13.35 15.97
N GLN A 261 -11.26 14.12 15.47
CA GLN A 261 -10.95 15.39 14.83
C GLN A 261 -10.48 16.39 15.85
N LEU A 262 -11.22 16.40 16.95
CA LEU A 262 -10.99 17.23 18.10
C LEU A 262 -11.29 16.39 19.35
N PRO A 263 -10.75 16.82 20.51
CA PRO A 263 -11.06 16.13 21.78
C PRO A 263 -12.55 16.26 22.15
N VAL A 264 -13.02 15.39 23.04
CA VAL A 264 -14.42 15.44 23.54
C VAL A 264 -14.82 16.80 24.08
N THR A 265 -13.83 17.61 24.46
CA THR A 265 -14.03 19.03 24.75
C THR A 265 -14.59 19.82 23.56
N ARG A 266 -14.52 19.24 22.35
CA ARG A 266 -14.94 19.92 21.12
C ARG A 266 -14.17 21.23 20.80
N THR A 267 -12.94 21.37 21.31
CA THR A 267 -12.04 22.45 20.86
C THR A 267 -10.59 21.97 20.91
N LYS A 268 -9.69 22.73 20.31
CA LYS A 268 -8.27 22.40 20.33
C LYS A 268 -7.74 22.48 21.78
N ILE A 269 -6.51 21.99 21.98
CA ILE A 269 -5.96 21.83 23.31
C ILE A 269 -5.54 23.14 24.00
N ASP A 270 -6.00 23.27 25.24
CA ASP A 270 -5.51 24.26 26.18
C ASP A 270 -4.18 23.77 26.74
N TRP A 271 -3.08 24.25 26.17
CA TRP A 271 -1.75 23.71 26.52
C TRP A 271 -1.28 24.14 27.93
N ASN A 272 -1.76 25.29 28.37
CA ASN A 272 -1.48 25.81 29.71
C ASN A 272 -2.14 24.94 30.76
N LYS A 273 -3.32 24.38 30.43
CA LYS A 273 -3.93 23.38 31.30
C LYS A 273 -3.13 22.06 31.30
N ILE A 274 -2.74 21.59 30.12
CA ILE A 274 -1.95 20.35 30.04
C ILE A 274 -0.68 20.46 30.92
N LEU A 275 0.01 21.58 30.79
CA LEU A 275 1.27 21.78 31.47
C LEU A 275 1.16 22.11 32.97
N SER A 276 -0.06 22.33 33.45
CA SER A 276 -0.25 22.69 34.85
C SER A 276 -0.65 21.46 35.62
N SER B 2 26.94 7.82 -4.98
CA SER B 2 25.87 6.77 -4.89
C SER B 2 24.48 7.39 -4.85
N ASP B 3 24.44 8.69 -5.17
CA ASP B 3 23.23 9.51 -5.21
C ASP B 3 22.15 8.98 -6.17
N GLN B 4 22.57 8.46 -7.31
CA GLN B 4 21.62 7.89 -8.29
C GLN B 4 20.94 6.67 -7.67
N GLN B 5 21.73 5.81 -7.04
CA GLN B 5 21.21 4.64 -6.35
C GLN B 5 20.29 5.01 -5.18
N LEU B 6 20.66 6.05 -4.42
CA LEU B 6 19.83 6.50 -3.32
C LEU B 6 18.51 7.08 -3.80
N ASP B 7 18.56 7.89 -4.87
CA ASP B 7 17.34 8.36 -5.52
C ASP B 7 16.42 7.23 -5.99
N CYS B 8 17.01 6.17 -6.57
CA CYS B 8 16.21 5.02 -7.02
C CYS B 8 15.58 4.30 -5.82
N ALA B 9 16.36 4.14 -4.75
CA ALA B 9 15.92 3.45 -3.54
C ALA B 9 14.71 4.15 -2.91
N LEU B 10 14.77 5.47 -2.86
CA LEU B 10 13.70 6.28 -2.25
C LEU B 10 12.46 6.29 -3.14
N ASP B 11 12.68 6.39 -4.43
CA ASP B 11 11.60 6.28 -5.39
C ASP B 11 10.93 4.90 -5.32
N LEU B 12 11.75 3.86 -5.27
CA LEU B 12 11.17 2.52 -5.16
C LEU B 12 10.29 2.40 -3.91
N MET B 13 10.74 2.97 -2.79
CA MET B 13 9.94 2.90 -1.57
C MET B 13 8.59 3.65 -1.67
N ARG B 14 8.49 4.58 -2.60
CA ARG B 14 7.23 5.31 -2.84
C ARG B 14 6.26 4.46 -3.66
N ARG B 15 6.74 3.30 -4.12
CA ARG B 15 5.95 2.52 -5.07
C ARG B 15 5.63 1.11 -4.57
N LEU B 16 6.50 0.52 -3.77
CA LEU B 16 6.21 -0.80 -3.21
C LEU B 16 4.99 -0.68 -2.25
N PRO B 17 4.18 -1.74 -2.13
CA PRO B 17 3.00 -1.68 -1.27
C PRO B 17 3.33 -1.35 0.19
N PRO B 18 2.72 -0.28 0.72
CA PRO B 18 3.02 0.25 2.07
C PRO B 18 2.66 -0.71 3.20
N GLN B 19 1.88 -1.73 2.87
CA GLN B 19 1.58 -2.76 3.84
C GLN B 19 2.85 -3.55 4.20
N GLN B 20 3.85 -3.55 3.31
CA GLN B 20 5.11 -4.33 3.53
C GLN B 20 6.38 -3.49 3.87
N ILE B 21 6.22 -2.34 4.53
CA ILE B 21 7.38 -1.44 4.78
C ILE B 21 8.64 -2.03 5.41
N GLU B 22 8.50 -2.72 6.55
CA GLU B 22 9.70 -3.17 7.26
C GLU B 22 10.47 -4.18 6.43
N LYS B 23 9.72 -5.13 5.89
CA LYS B 23 10.21 -6.14 4.97
C LYS B 23 10.88 -5.51 3.74
N ASN B 24 10.18 -4.59 3.08
CA ASN B 24 10.77 -3.94 1.91
C ASN B 24 12.04 -3.18 2.22
N LEU B 25 12.08 -2.45 3.35
CA LEU B 25 13.32 -1.72 3.69
C LEU B 25 14.46 -2.72 3.96
N SER B 26 14.14 -3.83 4.59
CA SER B 26 15.16 -4.85 4.89
C SER B 26 15.71 -5.45 3.61
N ASP B 27 14.81 -5.82 2.72
CA ASP B 27 15.19 -6.29 1.38
C ASP B 27 15.99 -5.26 0.58
N LEU B 28 15.63 -3.99 0.73
CA LEU B 28 16.29 -2.96 -0.03
C LEU B 28 17.74 -2.76 0.46
N ILE B 29 17.97 -2.88 1.77
CA ILE B 29 19.34 -2.79 2.29
C ILE B 29 20.19 -4.03 1.91
N ASP B 30 19.58 -5.21 1.87
CA ASP B 30 20.29 -6.43 1.42
C ASP B 30 20.72 -6.25 -0.02
N LEU B 31 19.83 -5.60 -0.77
CA LEU B 31 20.07 -5.28 -2.17
C LEU B 31 21.18 -4.23 -2.34
N VAL B 32 21.28 -3.25 -1.45
CA VAL B 32 22.37 -2.24 -1.54
C VAL B 32 22.91 -1.94 -0.13
N PRO B 33 23.85 -2.78 0.34
CA PRO B 33 24.34 -2.75 1.70
C PRO B 33 24.98 -1.41 2.05
N SER B 34 25.65 -0.76 1.10
CA SER B 34 26.35 0.48 1.39
C SER B 34 25.39 1.64 1.72
N LEU B 35 24.16 1.55 1.22
CA LEU B 35 23.16 2.59 1.46
C LEU B 35 22.40 2.43 2.77
N CYS B 36 22.87 1.54 3.64
CA CYS B 36 22.19 1.23 4.89
C CYS B 36 21.91 2.45 5.78
N GLU B 37 22.95 3.19 6.18
CA GLU B 37 22.75 4.32 7.08
C GLU B 37 21.89 5.41 6.45
N ASP B 38 22.15 5.69 5.18
CA ASP B 38 21.33 6.61 4.39
C ASP B 38 19.84 6.23 4.39
N LEU B 39 19.55 4.95 4.17
CA LEU B 39 18.16 4.44 4.19
C LEU B 39 17.51 4.33 5.55
N LEU B 40 18.20 3.74 6.53
CA LEU B 40 17.67 3.79 7.90
C LEU B 40 17.38 5.24 8.31
N SER B 41 18.15 6.20 7.81
CA SER B 41 17.99 7.61 8.19
C SER B 41 16.94 8.37 7.38
N SER B 42 16.56 7.83 6.22
CA SER B 42 15.60 8.55 5.37
C SER B 42 14.22 7.85 5.25
N VAL B 43 14.15 6.59 5.62
CA VAL B 43 12.87 5.88 5.47
C VAL B 43 12.29 5.62 6.84
N ASP B 44 11.05 6.05 7.06
CA ASP B 44 10.37 5.80 8.33
C ASP B 44 9.85 4.36 8.39
N GLN B 45 9.97 3.75 9.57
CA GLN B 45 9.50 2.40 9.83
C GLN B 45 8.30 2.41 10.78
N PRO B 46 7.38 1.44 10.61
CA PRO B 46 6.29 1.23 11.52
C PRO B 46 6.80 1.13 12.97
N LEU B 47 6.05 1.73 13.90
CA LEU B 47 6.41 1.75 15.32
C LEU B 47 6.09 0.42 15.94
N LYS B 48 6.93 0.00 16.87
CA LYS B 48 6.74 -1.24 17.61
C LYS B 48 6.62 -0.93 19.09
N ILE B 49 5.91 -1.78 19.83
CA ILE B 49 5.69 -1.61 21.26
C ILE B 49 6.59 -2.55 22.08
N ALA B 50 7.15 -2.02 23.16
CA ALA B 50 7.82 -2.85 24.17
C ALA B 50 7.23 -2.49 25.53
N ARG B 51 7.52 -3.29 26.55
CA ARG B 51 6.97 -3.05 27.87
C ARG B 51 8.06 -2.61 28.82
N ASP B 52 7.81 -1.51 29.53
CA ASP B 52 8.69 -1.11 30.59
C ASP B 52 8.07 -1.75 31.81
N LYS B 53 8.74 -2.79 32.31
CA LYS B 53 8.25 -3.59 33.40
C LYS B 53 8.43 -2.96 34.77
N VAL B 54 9.40 -2.05 34.89
CA VAL B 54 9.62 -1.34 36.16
C VAL B 54 8.45 -0.38 36.44
N VAL B 55 8.00 0.36 35.44
CA VAL B 55 6.93 1.34 35.69
C VAL B 55 5.54 0.84 35.29
N GLY B 56 5.50 -0.27 34.56
CA GLY B 56 4.27 -0.83 33.98
C GLY B 56 3.62 0.09 32.93
N LYS B 57 4.41 0.44 31.91
CA LYS B 57 3.93 1.29 30.80
C LYS B 57 4.56 0.76 29.50
N ASP B 58 3.78 0.80 28.42
CA ASP B 58 4.31 0.56 27.10
C ASP B 58 5.14 1.76 26.64
N TYR B 59 6.09 1.52 25.75
CA TYR B 59 6.79 2.56 25.04
C TYR B 59 7.09 2.09 23.65
N LEU B 60 7.50 3.04 22.81
CA LEU B 60 7.52 2.83 21.38
C LEU B 60 8.94 2.71 20.93
N LEU B 61 9.18 1.79 20.02
CA LEU B 61 10.52 1.59 19.48
C LEU B 61 10.65 2.13 18.05
N CYS B 62 11.74 2.83 17.80
CA CYS B 62 12.10 3.26 16.48
C CYS B 62 13.60 3.40 16.49
N ASP B 63 14.16 3.88 15.40
CA ASP B 63 15.62 4.06 15.38
C ASP B 63 16.09 5.22 16.28
N TYR B 64 15.17 6.13 16.62
CA TYR B 64 15.50 7.28 17.46
C TYR B 64 15.84 6.96 18.92
N ASN B 65 15.34 5.85 19.44
CA ASN B 65 15.71 5.43 20.77
C ASN B 65 16.51 4.16 20.77
N ARG B 66 17.08 3.81 19.61
CA ARG B 66 17.88 2.56 19.47
C ARG B 66 19.37 2.84 19.66
N ASP B 67 20.06 1.97 20.38
CA ASP B 67 21.51 2.06 20.49
C ASP B 67 21.96 0.63 20.40
N GLY B 68 22.61 0.31 19.29
CA GLY B 68 23.04 -1.07 19.00
C GLY B 68 21.79 -1.90 18.85
N ASP B 69 21.65 -2.94 19.66
CA ASP B 69 20.42 -3.74 19.59
C ASP B 69 19.51 -3.52 20.81
N SER B 70 19.73 -2.43 21.55
CA SER B 70 18.88 -2.13 22.68
C SER B 70 18.04 -0.87 22.43
N TYR B 71 16.96 -0.73 23.22
CA TYR B 71 16.09 0.47 23.08
C TYR B 71 15.91 1.11 24.46
N ARG B 72 15.83 2.43 24.43
CA ARG B 72 15.70 3.18 25.66
C ARG B 72 14.23 3.44 25.97
N SER B 73 13.87 3.12 27.21
CA SER B 73 12.56 3.52 27.73
C SER B 73 12.50 4.96 28.15
N PRO B 74 11.45 5.66 27.72
CA PRO B 74 11.32 7.04 28.18
C PRO B 74 10.82 7.19 29.64
N TRP B 75 10.31 6.11 30.21
CA TRP B 75 9.74 6.12 31.56
C TRP B 75 10.84 5.93 32.59
N SER B 76 11.72 4.97 32.34
CA SER B 76 12.74 4.65 33.29
C SER B 76 14.15 5.10 32.88
N ASN B 77 14.30 5.62 31.64
CA ASN B 77 15.56 6.16 31.11
C ASN B 77 16.72 5.15 31.13
N LYS B 78 16.44 3.97 30.64
CA LYS B 78 17.43 2.94 30.55
C LYS B 78 17.14 2.07 29.33
N TYR B 79 18.18 1.37 28.91
CA TYR B 79 18.07 0.46 27.75
C TYR B 79 17.66 -0.94 28.13
N ASP B 80 16.99 -1.59 27.19
CA ASP B 80 16.62 -3.02 27.30
C ASP B 80 17.00 -3.67 25.96
N PRO B 81 17.89 -4.70 25.97
CA PRO B 81 18.68 -5.16 27.10
C PRO B 81 19.59 -4.06 27.67
N PRO B 82 20.07 -4.23 28.93
CA PRO B 82 20.97 -3.21 29.48
C PRO B 82 22.21 -3.05 28.62
N LEU B 83 22.71 -1.82 28.53
CA LEU B 83 23.92 -1.54 27.75
C LEU B 83 25.03 -1.04 28.65
N GLU B 84 26.25 -1.24 28.18
CA GLU B 84 27.38 -0.48 28.67
C GLU B 84 27.30 0.80 27.83
N ASP B 85 27.10 1.92 28.51
CA ASP B 85 27.08 3.25 27.88
C ASP B 85 26.16 3.54 26.69
N GLY B 86 24.87 3.25 26.84
CA GLY B 86 23.90 3.64 25.84
C GLY B 86 23.74 5.15 25.85
N ALA B 87 23.46 5.72 24.68
CA ALA B 87 23.28 7.16 24.60
C ALA B 87 22.12 7.59 25.50
N MET B 88 22.37 8.56 26.38
CA MET B 88 21.31 9.13 27.21
C MET B 88 21.33 10.67 27.20
N PRO B 89 20.17 11.31 27.46
CA PRO B 89 20.14 12.78 27.43
C PRO B 89 20.85 13.39 28.66
N SER B 90 21.27 14.64 28.54
CA SER B 90 21.72 15.41 29.74
C SER B 90 20.66 15.42 30.85
N ALA B 91 21.05 15.73 32.11
CA ALA B 91 20.06 15.95 33.16
C ALA B 91 19.04 17.03 32.74
N ARG B 92 19.56 18.11 32.19
CA ARG B 92 18.72 19.24 31.74
C ARG B 92 17.66 18.74 30.76
N LEU B 93 18.14 18.01 29.77
CA LEU B 93 17.22 17.56 28.71
C LEU B 93 16.33 16.42 29.19
N ARG B 94 16.83 15.58 30.10
CA ARG B 94 15.98 14.56 30.65
C ARG B 94 14.72 15.10 31.36
N LYS B 95 14.89 16.16 32.16
CA LYS B 95 13.74 16.82 32.79
C LYS B 95 12.72 17.28 31.74
N LEU B 96 13.20 17.87 30.64
CA LEU B 96 12.29 18.25 29.54
C LEU B 96 11.60 17.05 28.86
N GLU B 97 12.36 15.97 28.70
CA GLU B 97 11.85 14.70 28.17
C GLU B 97 10.75 14.11 29.04
N VAL B 98 10.94 14.13 30.37
CA VAL B 98 9.91 13.65 31.29
C VAL B 98 8.64 14.55 31.15
N GLU B 99 8.84 15.84 31.15
CA GLU B 99 7.70 16.75 31.07
C GLU B 99 6.95 16.57 29.74
N ALA B 100 7.70 16.31 28.67
CA ALA B 100 7.11 16.16 27.34
C ALA B 100 6.36 14.86 27.23
N ASN B 101 6.89 13.78 27.81
CA ASN B 101 6.15 12.56 27.88
C ASN B 101 4.82 12.63 28.61
N ASN B 102 4.81 13.37 29.70
CA ASN B 102 3.55 13.55 30.46
C ASN B 102 2.58 14.44 29.68
N ALA B 103 3.09 15.47 29.04
CA ALA B 103 2.24 16.36 28.23
C ALA B 103 1.64 15.60 27.07
N PHE B 104 2.45 14.79 26.40
CA PHE B 104 1.93 14.04 25.27
C PHE B 104 1.07 12.83 25.59
N ASP B 105 1.21 12.27 26.79
CA ASP B 105 0.25 11.30 27.27
C ASP B 105 -1.14 11.92 27.35
N GLN B 106 -1.23 13.12 27.88
CA GLN B 106 -2.51 13.83 27.98
C GLN B 106 -3.07 14.19 26.57
N TYR B 107 -2.19 14.69 25.73
CA TYR B 107 -2.52 15.02 24.33
C TYR B 107 -3.04 13.77 23.61
N ARG B 108 -2.33 12.64 23.74
CA ARG B 108 -2.79 11.35 23.22
C ARG B 108 -4.15 10.91 23.77
N ASP B 109 -4.30 11.04 25.08
CA ASP B 109 -5.58 10.73 25.74
C ASP B 109 -6.73 11.59 25.13
N LEU B 110 -6.45 12.83 24.84
CA LEU B 110 -7.49 13.74 24.32
C LEU B 110 -7.87 13.46 22.83
N TYR B 111 -6.88 13.21 21.98
CA TYR B 111 -7.16 13.10 20.53
C TYR B 111 -7.34 11.69 20.16
N PHE B 112 -6.73 10.75 20.92
CA PHE B 112 -6.71 9.37 20.48
C PHE B 112 -7.52 8.41 21.38
N GLU B 113 -7.74 8.80 22.62
CA GLU B 113 -8.53 8.06 23.62
C GLU B 113 -8.04 6.66 23.79
N GLY B 114 -6.72 6.49 23.80
CA GLY B 114 -6.09 5.18 23.97
C GLY B 114 -4.75 5.20 23.27
N GLY B 115 -4.26 4.01 22.87
CA GLY B 115 -2.95 3.87 22.25
C GLY B 115 -1.77 4.16 23.18
N VAL B 116 -0.59 4.38 22.59
CA VAL B 116 0.67 4.57 23.33
C VAL B 116 1.43 5.73 22.79
N SER B 117 2.05 6.51 23.66
CA SER B 117 2.95 7.58 23.24
C SER B 117 4.33 7.46 23.82
N SER B 118 5.30 8.05 23.14
CA SER B 118 6.64 8.17 23.67
C SER B 118 7.34 9.36 23.08
N VAL B 119 8.10 10.06 23.91
CA VAL B 119 8.92 11.17 23.50
C VAL B 119 10.36 10.86 23.85
N TYR B 120 11.21 10.98 22.84
CA TYR B 120 12.67 10.88 22.98
C TYR B 120 13.35 12.15 22.51
N LEU B 121 14.10 12.80 23.41
CA LEU B 121 14.92 13.97 23.11
C LEU B 121 16.42 13.64 23.13
N TRP B 122 17.19 14.37 22.33
CA TRP B 122 18.66 14.26 22.38
C TRP B 122 19.33 15.60 22.26
N ASP B 123 20.50 15.71 22.89
CA ASP B 123 21.23 16.98 22.85
C ASP B 123 21.92 17.23 21.51
N LEU B 124 21.89 18.48 21.05
CA LEU B 124 22.67 18.95 19.90
C LEU B 124 23.66 20.01 20.40
N ASP B 125 24.65 20.32 19.57
CA ASP B 125 25.64 21.34 19.93
C ASP B 125 25.05 22.70 20.26
N HIS B 126 24.03 23.12 19.48
CA HIS B 126 23.37 24.42 19.66
C HIS B 126 21.83 24.34 19.83
N GLY B 127 21.40 23.33 20.57
CA GLY B 127 20.00 23.17 20.97
C GLY B 127 19.69 21.73 21.25
N PHE B 128 18.53 21.27 20.78
CA PHE B 128 18.18 19.86 20.94
C PHE B 128 17.19 19.44 19.86
N ALA B 129 16.90 18.14 19.86
CA ALA B 129 15.95 17.57 18.94
C ALA B 129 15.19 16.49 19.64
N GLY B 130 14.12 16.04 19.01
CA GLY B 130 13.35 14.97 19.62
C GLY B 130 12.36 14.38 18.65
N VAL B 131 11.75 13.27 19.09
CA VAL B 131 10.69 12.66 18.35
C VAL B 131 9.54 12.45 19.31
N ILE B 132 8.35 12.72 18.79
CA ILE B 132 7.09 12.41 19.46
C ILE B 132 6.43 11.31 18.64
N LEU B 133 6.19 10.16 19.28
CA LEU B 133 5.66 8.98 18.64
C LEU B 133 4.28 8.66 19.26
N ILE B 134 3.29 8.32 18.42
CA ILE B 134 1.95 7.93 18.88
C ILE B 134 1.54 6.74 18.04
N LYS B 135 1.08 5.66 18.68
CA LYS B 135 0.56 4.48 18.00
C LYS B 135 -0.82 4.15 18.56
N LYS B 136 -1.81 4.03 17.67
CA LYS B 136 -3.14 3.63 18.07
C LYS B 136 -3.57 2.52 17.10
N ALA B 137 -4.10 1.42 17.67
CA ALA B 137 -4.61 0.36 16.86
C ALA B 137 -6.10 0.23 17.20
N GLY B 138 -6.87 -0.34 16.28
CA GLY B 138 -8.30 -0.43 16.48
C GLY B 138 -8.57 -1.62 17.38
N ASP B 139 -9.85 -1.97 17.49
CA ASP B 139 -10.24 -3.24 18.11
C ASP B 139 -10.24 -4.28 17.00
N GLY B 140 -9.39 -5.29 17.14
CA GLY B 140 -9.19 -6.30 16.08
C GLY B 140 -10.18 -7.45 16.13
N SER B 141 -11.21 -7.28 16.93
CA SER B 141 -12.37 -8.19 16.95
C SER B 141 -13.45 -7.64 16.04
N LYS B 142 -13.27 -6.39 15.59
CA LYS B 142 -14.18 -5.79 14.60
C LYS B 142 -13.74 -6.20 13.20
N LYS B 143 -14.69 -6.38 12.27
CA LYS B 143 -14.34 -6.81 10.90
C LYS B 143 -13.43 -5.77 10.22
N ILE B 144 -13.39 -4.56 10.77
CA ILE B 144 -12.53 -3.49 10.27
C ILE B 144 -11.37 -3.18 11.26
N LYS B 145 -10.15 -3.66 10.95
CA LYS B 145 -8.92 -3.37 11.75
C LYS B 145 -8.21 -2.07 11.30
N GLY B 146 -7.58 -1.34 12.23
CA GLY B 146 -6.91 -0.05 11.93
C GLY B 146 -5.68 0.22 12.77
N CYS B 147 -4.61 0.75 12.14
CA CYS B 147 -3.40 1.24 12.85
C CYS B 147 -3.04 2.65 12.38
N TRP B 148 -2.74 3.53 13.32
CA TRP B 148 -2.17 4.85 13.07
C TRP B 148 -0.85 5.00 13.80
N ASP B 149 0.21 5.38 13.09
CA ASP B 149 1.51 5.69 13.70
C ASP B 149 1.79 7.16 13.36
N SER B 150 2.02 8.00 14.36
CA SER B 150 2.56 9.35 14.16
C SER B 150 4.05 9.37 14.55
N ILE B 151 4.88 9.95 13.68
CA ILE B 151 6.30 10.12 13.95
C ILE B 151 6.62 11.58 13.67
N HIS B 152 6.77 12.39 14.72
CA HIS B 152 6.98 13.82 14.56
C HIS B 152 8.37 14.18 15.02
N VAL B 153 9.27 14.56 14.11
CA VAL B 153 10.65 14.91 14.49
C VAL B 153 10.76 16.46 14.63
N VAL B 154 11.20 16.93 15.78
CA VAL B 154 11.36 18.35 15.95
C VAL B 154 12.84 18.70 16.20
N GLU B 155 13.33 19.72 15.51
CA GLU B 155 14.72 20.11 15.69
C GLU B 155 14.69 21.53 16.17
N VAL B 156 15.30 21.75 17.34
CA VAL B 156 15.23 23.05 18.02
C VAL B 156 16.64 23.67 18.11
N GLN B 157 16.79 24.80 17.43
CA GLN B 157 18.00 25.59 17.58
C GLN B 157 17.72 26.70 18.58
N GLU B 158 18.35 26.58 19.75
CA GLU B 158 18.09 27.49 20.87
C GLU B 158 19.05 28.65 20.77
N LYS B 159 18.54 29.85 20.53
CA LYS B 159 19.44 30.98 20.22
C LYS B 159 19.84 31.79 21.42
N SER B 160 21.14 31.79 21.75
CA SER B 160 21.72 32.67 22.79
C SER B 160 21.52 34.16 22.46
N SER B 161 20.67 34.84 23.24
CA SER B 161 19.79 34.19 24.20
C SER B 161 18.35 34.51 23.76
N GLY B 162 17.40 33.60 24.01
CA GLY B 162 17.49 32.39 24.85
C GLY B 162 16.02 32.33 25.22
N ARG B 163 15.38 33.37 24.72
CA ARG B 163 14.00 33.70 24.89
C ARG B 163 13.46 33.65 23.47
N THR B 164 14.16 32.88 22.63
CA THR B 164 13.80 32.63 21.23
C THR B 164 14.42 31.31 20.77
N ALA B 165 13.76 30.67 19.80
CA ALA B 165 14.24 29.41 19.25
C ALA B 165 13.64 29.18 17.87
N HIS B 166 14.34 28.42 17.06
CA HIS B 166 13.85 28.08 15.74
C HIS B 166 13.46 26.62 15.78
N TYR B 167 12.22 26.33 15.38
CA TYR B 167 11.69 24.95 15.41
C TYR B 167 11.55 24.43 13.97
N LYS B 168 12.08 23.26 13.67
CA LYS B 168 11.77 22.61 12.41
C LYS B 168 11.06 21.32 12.73
N LEU B 169 9.91 21.12 12.11
CA LEU B 169 9.11 19.96 12.37
C LEU B 169 8.90 19.19 11.08
N THR B 170 9.31 17.94 11.09
CA THR B 170 9.04 16.99 10.01
C THR B 170 8.14 15.88 10.54
N SER B 171 6.97 15.73 9.94
CA SER B 171 5.98 14.78 10.52
C SER B 171 5.54 13.75 9.52
N THR B 172 5.60 12.46 9.90
CA THR B 172 5.03 11.37 9.10
C THR B 172 3.90 10.66 9.87
N VAL B 173 2.80 10.42 9.18
CA VAL B 173 1.71 9.59 9.69
C VAL B 173 1.53 8.45 8.73
N MET B 174 1.57 7.24 9.30
CA MET B 174 1.26 6.04 8.57
C MET B 174 -0.07 5.53 9.07
N LEU B 175 -0.94 5.20 8.13
CA LEU B 175 -2.28 4.80 8.43
C LEU B 175 -2.63 3.58 7.57
N TRP B 176 -3.16 2.54 8.22
CA TRP B 176 -3.49 1.29 7.58
C TRP B 176 -4.85 0.91 8.09
N LEU B 177 -5.67 0.37 7.21
CA LEU B 177 -7.01 -0.05 7.56
C LEU B 177 -7.16 -1.36 6.80
N GLN B 178 -7.77 -2.37 7.43
CA GLN B 178 -8.01 -3.60 6.74
C GLN B 178 -9.34 -4.14 7.18
N THR B 179 -10.16 -4.49 6.22
CA THR B 179 -11.46 -5.04 6.51
C THR B 179 -11.62 -6.38 5.86
N ASN B 180 -12.38 -7.25 6.50
CA ASN B 180 -12.73 -8.52 5.91
C ASN B 180 -14.23 -8.71 6.10
N LYS B 181 -14.97 -8.53 5.01
CA LYS B 181 -16.41 -8.60 5.02
C LYS B 181 -16.91 -9.53 3.91
N THR B 182 -18.02 -10.18 4.21
CA THR B 182 -18.82 -10.87 3.22
C THR B 182 -18.95 -10.07 1.91
N GLY B 183 -19.44 -8.82 1.97
CA GLY B 183 -19.71 -8.02 0.78
C GLY B 183 -18.48 -7.55 0.00
N SER B 184 -17.49 -6.98 0.71
CA SER B 184 -16.32 -6.39 0.04
C SER B 184 -15.07 -7.29 0.01
N GLY B 185 -15.18 -8.53 0.45
CA GLY B 185 -14.02 -9.47 0.48
C GLY B 185 -13.01 -8.84 1.45
N THR B 186 -11.73 -8.87 1.09
CA THR B 186 -10.65 -8.19 1.84
C THR B 186 -10.34 -6.85 1.18
N MET B 187 -10.32 -5.78 1.97
CA MET B 187 -9.85 -4.46 1.50
C MET B 187 -8.69 -4.05 2.40
N ASN B 188 -7.56 -3.67 1.82
CA ASN B 188 -6.44 -3.19 2.55
C ASN B 188 -6.06 -1.82 2.04
N LEU B 189 -6.26 -0.79 2.85
CA LEU B 189 -5.88 0.57 2.53
C LEU B 189 -4.72 0.99 3.46
N GLY B 190 -3.57 1.35 2.88
CA GLY B 190 -2.32 1.64 3.65
C GLY B 190 -1.47 2.69 2.97
N GLY B 191 -0.65 3.39 3.75
CA GLY B 191 0.22 4.38 3.17
C GLY B 191 0.74 5.32 4.24
N SER B 192 1.22 6.46 3.80
CA SER B 192 1.79 7.38 4.74
C SER B 192 1.81 8.74 4.06
N LEU B 193 1.80 9.80 4.85
CA LEU B 193 1.94 11.17 4.35
C LEU B 193 3.02 11.85 5.20
N THR B 194 3.84 12.70 4.59
CA THR B 194 4.90 13.40 5.31
C THR B 194 4.75 14.89 5.02
N ARG B 195 4.85 15.69 6.08
CA ARG B 195 4.80 17.13 5.95
C ARG B 195 5.92 17.78 6.78
N GLN B 196 6.32 18.99 6.41
CA GLN B 196 7.34 19.69 7.18
C GLN B 196 6.95 21.13 7.39
N MET B 197 7.33 21.66 8.55
CA MET B 197 7.19 23.07 8.83
C MET B 197 8.36 23.63 9.67
N GLU B 198 8.53 24.95 9.61
CA GLU B 198 9.57 25.66 10.37
C GLU B 198 9.00 26.96 10.93
N LYS B 199 9.38 27.31 12.17
CA LYS B 199 8.88 28.55 12.81
C LYS B 199 9.79 29.06 13.93
N ASP B 200 9.92 30.39 14.02
CA ASP B 200 10.58 31.03 15.17
C ASP B 200 9.54 31.39 16.24
N GLU B 201 9.83 31.09 17.51
CA GLU B 201 8.89 31.36 18.61
C GLU B 201 9.57 31.91 19.84
N THR B 202 8.85 32.77 20.56
CA THR B 202 9.27 33.19 21.88
C THR B 202 9.25 31.99 22.82
N VAL B 203 10.30 31.85 23.62
CA VAL B 203 10.32 30.88 24.68
C VAL B 203 10.26 31.66 25.99
N SER B 204 9.24 31.37 26.80
CA SER B 204 9.08 32.02 28.11
C SER B 204 8.33 31.12 29.08
N ASP B 205 8.03 31.64 30.26
CA ASP B 205 7.21 30.90 31.20
C ASP B 205 5.80 30.77 30.65
N SER B 206 5.35 31.76 29.87
CA SER B 206 4.01 31.75 29.26
C SER B 206 3.97 30.97 27.93
N SER B 207 5.16 30.68 27.38
CA SER B 207 5.32 29.94 26.15
C SER B 207 6.56 29.03 26.20
N PRO B 208 6.56 27.99 27.06
CA PRO B 208 7.77 27.15 27.22
C PRO B 208 7.97 26.23 25.99
N HIS B 209 9.16 25.61 25.83
CA HIS B 209 9.38 24.71 24.69
C HIS B 209 8.24 23.72 24.48
N ILE B 210 7.76 23.09 25.56
CA ILE B 210 6.78 22.02 25.40
C ILE B 210 5.43 22.53 24.84
N ALA B 211 4.96 23.68 25.30
CA ALA B 211 3.82 24.35 24.66
C ALA B 211 4.10 24.72 23.16
N ASN B 212 5.26 25.28 22.84
CA ASN B 212 5.55 25.57 21.44
C ASN B 212 5.53 24.33 20.55
N ILE B 213 6.17 23.28 21.02
CA ILE B 213 6.23 22.03 20.27
C ILE B 213 4.83 21.38 20.20
N GLY B 214 4.10 21.42 21.30
CA GLY B 214 2.73 20.87 21.37
C GLY B 214 1.81 21.47 20.30
N ARG B 215 1.84 22.78 20.20
CA ARG B 215 0.97 23.48 19.24
C ARG B 215 1.41 23.14 17.80
N LEU B 216 2.71 23.12 17.50
CA LEU B 216 3.17 22.69 16.17
C LEU B 216 2.73 21.30 15.82
N VAL B 217 2.91 20.36 16.76
CA VAL B 217 2.50 18.99 16.51
C VAL B 217 1.00 18.87 16.34
N GLU B 218 0.23 19.59 17.18
CA GLU B 218 -1.23 19.52 17.12
C GLU B 218 -1.70 20.06 15.77
N ASP B 219 -1.16 21.23 15.40
CA ASP B 219 -1.56 21.89 14.14
C ASP B 219 -1.24 20.97 12.96
N MET B 220 -0.06 20.38 13.00
CA MET B 220 0.41 19.54 11.89
C MET B 220 -0.38 18.22 11.80
N GLU B 221 -0.62 17.60 12.95
CA GLU B 221 -1.30 16.33 12.96
C GLU B 221 -2.79 16.51 12.54
N ASN B 222 -3.40 17.58 12.97
CA ASN B 222 -4.78 17.87 12.52
C ASN B 222 -4.83 18.07 11.01
N LYS B 223 -3.83 18.75 10.46
CA LYS B 223 -3.78 18.96 9.01
C LYS B 223 -3.55 17.65 8.28
N ILE B 224 -2.63 16.82 8.80
CA ILE B 224 -2.37 15.53 8.17
C ILE B 224 -3.63 14.62 8.21
N ARG B 225 -4.31 14.60 9.36
CA ARG B 225 -5.56 13.82 9.49
C ARG B 225 -6.54 14.19 8.36
N SER B 226 -6.74 15.48 8.13
CA SER B 226 -7.65 15.90 7.05
CA SER B 226 -7.66 15.90 7.06
C SER B 226 -7.15 15.46 5.68
N THR B 227 -5.86 15.61 5.43
CA THR B 227 -5.31 15.15 4.15
C THR B 227 -5.49 13.64 3.92
N LEU B 228 -5.19 12.88 4.97
CA LEU B 228 -5.46 11.45 4.91
C LEU B 228 -6.94 11.15 4.65
N ASN B 229 -7.83 11.90 5.30
CA ASN B 229 -9.27 11.70 5.11
C ASN B 229 -9.65 11.86 3.62
N GLU B 230 -9.14 12.91 3.03
CA GLU B 230 -9.37 13.26 1.63
C GLU B 230 -8.76 12.25 0.66
N ILE B 231 -7.51 11.86 0.89
CA ILE B 231 -6.87 10.87 -0.01
C ILE B 231 -7.45 9.47 0.15
N TYR B 232 -7.51 8.98 1.39
CA TYR B 232 -7.98 7.63 1.66
C TYR B 232 -9.41 7.43 1.24
N PHE B 233 -10.31 8.28 1.72
CA PHE B 233 -11.72 7.96 1.59
C PHE B 233 -12.37 8.77 0.46
N GLY B 234 -11.58 9.61 -0.17
CA GLY B 234 -12.09 10.48 -1.23
C GLY B 234 -11.46 10.04 -2.51
N LYS B 235 -10.20 10.41 -2.67
CA LYS B 235 -9.44 10.14 -3.91
C LYS B 235 -9.33 8.66 -4.28
N THR B 236 -8.93 7.75 -3.37
CA THR B 236 -8.86 6.37 -3.83
C THR B 236 -10.24 5.80 -4.20
N LYS B 237 -11.27 6.20 -3.48
CA LYS B 237 -12.63 5.75 -3.79
C LYS B 237 -13.07 6.23 -5.17
N ASP B 238 -12.84 7.52 -5.46
CA ASP B 238 -13.05 8.04 -6.83
C ASP B 238 -12.34 7.25 -7.95
N ILE B 239 -11.08 6.88 -7.73
CA ILE B 239 -10.34 6.05 -8.70
C ILE B 239 -11.04 4.69 -8.90
N VAL B 240 -11.36 3.98 -7.82
CA VAL B 240 -12.05 2.69 -7.92
C VAL B 240 -13.34 2.81 -8.76
N ASN B 241 -14.12 3.85 -8.47
CA ASN B 241 -15.35 4.01 -9.21
C ASN B 241 -15.17 4.41 -10.67
N GLY B 242 -14.03 5.05 -11.01
CA GLY B 242 -13.60 5.29 -12.40
C GLY B 242 -13.22 4.01 -13.15
N LEU B 243 -12.95 2.93 -12.43
CA LEU B 243 -12.54 1.64 -13.06
C LEU B 243 -13.72 0.81 -13.58
N ARG B 244 -14.90 1.00 -12.99
CA ARG B 244 -16.07 0.24 -13.42
C ARG B 244 -17.20 1.27 -13.46
BA BA C . 15.88 10.93 10.23
O1 MES D . 5.08 -1.81 40.18
C2 MES D . 4.19 -1.21 39.22
C3 MES D . 3.60 -2.30 38.32
N4 MES D . 4.67 -3.13 37.81
C5 MES D . 5.73 -3.63 38.69
C6 MES D . 6.19 -2.46 39.56
C7 MES D . 4.72 -3.46 36.39
C8 MES D . 4.07 -4.81 36.08
S MES D . 3.68 -4.93 34.45
O1S MES D . 2.34 -4.37 34.21
O2S MES D . 4.66 -4.27 33.57
O3S MES D . 3.69 -6.39 34.12
#